data_8Q50
#
_entry.id   8Q50
#
_cell.length_a   98.895
_cell.length_b   98.895
_cell.length_c   61.149
_cell.angle_alpha   90.00
_cell.angle_beta   90.00
_cell.angle_gamma   90.00
#
_symmetry.space_group_name_H-M   'P 43 21 2'
#
loop_
_entity.id
_entity.type
_entity.pdbx_description
1 polymer 'Nitrogenase iron protein 1'
2 non-polymer 'CALCIUM ION'
3 non-polymer 'FE2/S2 (INORGANIC) CLUSTER'
4 non-polymer GLYCEROL
5 non-polymer 'ACETATE ION'
6 water water
#
_entity_poly.entity_id   1
_entity_poly.type   'polypeptide(L)'
_entity_poly.pdbx_seq_one_letter_code
;MSFDEIAPDAKKVAIYGKGGIGKSTTTQNTAAALAYFFDKKVMIHGCDPKADSTRMILHGKPQDTVMDVLREEGEEAVTL
EKVRKIGFKDILCVESGGPEPGVGCAGRGVITAVDMMRELEGYPDDLDNLFFDVLGDVVCGGFAMPLRDGLAQEIYIVTS
GEMMALYAANNIAKGILKYAEQSGVRLGGIICNARNVDGEKELMDEFCDKLGTKLIHYVPRDNIVQKAEFNKMTVIEFDP
ECNQAKEYRTLAKNIDENDELVKPTPMTMDELEELVVKYGLIDL
;
_entity_poly.pdbx_strand_id   A
#
# COMPACT_ATOMS: atom_id res chain seq x y z
N GLU A 5 -18.65 -9.26 -6.36
CA GLU A 5 -17.56 -9.39 -5.38
C GLU A 5 -16.16 -9.30 -6.01
N ILE A 6 -15.32 -8.41 -5.46
CA ILE A 6 -13.97 -8.19 -6.07
C ILE A 6 -13.01 -9.26 -5.54
N ALA A 7 -12.47 -10.09 -6.43
CA ALA A 7 -11.45 -11.10 -6.05
C ALA A 7 -11.84 -11.84 -4.77
N PRO A 8 -12.93 -12.64 -4.77
CA PRO A 8 -13.38 -13.33 -3.56
C PRO A 8 -12.39 -14.37 -3.04
N ASP A 9 -11.59 -14.98 -3.93
CA ASP A 9 -10.63 -15.98 -3.52
C ASP A 9 -9.21 -15.43 -3.41
N ALA A 10 -9.06 -14.10 -3.45
CA ALA A 10 -7.76 -13.49 -3.27
C ALA A 10 -7.60 -13.00 -1.84
N LYS A 11 -6.31 -12.80 -1.47
CA LYS A 11 -6.01 -12.13 -0.18
C LYS A 11 -5.91 -10.65 -0.55
N LYS A 12 -6.94 -9.86 -0.28
CA LYS A 12 -7.03 -8.45 -0.63
C LYS A 12 -6.49 -7.67 0.57
N VAL A 13 -5.55 -6.77 0.27
CA VAL A 13 -4.93 -6.01 1.38
C VAL A 13 -4.88 -4.55 0.98
N ALA A 14 -4.94 -3.67 1.97
CA ALA A 14 -4.77 -2.22 1.68
C ALA A 14 -3.50 -1.74 2.39
N ILE A 15 -2.58 -1.14 1.63
CA ILE A 15 -1.31 -0.60 2.20
C ILE A 15 -1.48 0.91 2.34
N TYR A 16 -1.46 1.41 3.57
CA TYR A 16 -1.65 2.86 3.83
C TYR A 16 -0.38 3.44 4.46
N GLY A 17 0.00 4.62 4.03
CA GLY A 17 1.19 5.25 4.61
C GLY A 17 1.39 6.63 4.06
N LYS A 18 2.21 7.41 4.75
CA LYS A 18 2.54 8.78 4.28
C LYS A 18 3.44 8.67 3.06
N GLY A 19 3.48 9.71 2.26
CA GLY A 19 4.41 9.73 1.12
C GLY A 19 5.82 10.02 1.55
N GLY A 20 6.77 9.81 0.65
CA GLY A 20 8.16 10.12 0.92
C GLY A 20 8.91 9.14 1.78
N ILE A 21 8.35 7.95 2.06
CA ILE A 21 9.05 6.99 2.92
C ILE A 21 9.15 5.63 2.22
N GLY A 22 8.85 5.59 0.92
CA GLY A 22 9.05 4.34 0.15
C GLY A 22 7.88 3.37 0.17
N LYS A 23 6.66 3.86 0.45
CA LYS A 23 5.48 2.97 0.53
C LYS A 23 5.29 2.26 -0.81
N SER A 24 5.37 3.00 -1.92
CA SER A 24 5.14 2.40 -3.27
C SER A 24 6.25 1.40 -3.60
N THR A 25 7.50 1.71 -3.21
CA THR A 25 8.61 0.79 -3.49
C THR A 25 8.39 -0.51 -2.72
N THR A 26 7.97 -0.41 -1.46
CA THR A 26 7.71 -1.61 -0.68
C THR A 26 6.53 -2.38 -1.24
N THR A 27 5.46 -1.70 -1.63
CA THR A 27 4.31 -2.43 -2.16
C THR A 27 4.68 -3.17 -3.46
N GLN A 28 5.37 -2.48 -4.37
CA GLN A 28 5.71 -3.10 -5.67
C GLN A 28 6.62 -4.31 -5.46
N ASN A 29 7.61 -4.19 -4.57
CA ASN A 29 8.55 -5.28 -4.36
C ASN A 29 7.88 -6.44 -3.65
N THR A 30 6.89 -6.14 -2.81
CA THR A 30 6.14 -7.20 -2.10
C THR A 30 5.32 -7.97 -3.14
N ALA A 31 4.67 -7.25 -4.06
CA ALA A 31 3.90 -7.91 -5.14
C ALA A 31 4.85 -8.71 -6.02
N ALA A 32 5.96 -8.09 -6.46
CA ALA A 32 6.96 -8.83 -7.27
C ALA A 32 7.46 -10.09 -6.60
N ALA A 33 7.72 -10.01 -5.28
CA ALA A 33 8.26 -11.18 -4.58
C ALA A 33 7.21 -12.28 -4.46
N LEU A 34 5.93 -11.90 -4.32
CA LEU A 34 4.85 -12.90 -4.31
C LEU A 34 4.80 -13.58 -5.69
N ALA A 35 4.83 -12.79 -6.75
CA ALA A 35 4.75 -13.37 -8.09
C ALA A 35 5.98 -14.18 -8.40
N TYR A 36 7.17 -13.64 -8.07
CA TYR A 36 8.41 -14.30 -8.44
C TYR A 36 8.73 -15.52 -7.58
N PHE A 37 8.72 -15.36 -6.25
CA PHE A 37 9.16 -16.43 -5.38
C PHE A 37 8.06 -17.43 -5.05
N PHE A 38 6.80 -17.04 -5.22
CA PHE A 38 5.69 -17.96 -4.80
C PHE A 38 4.71 -18.19 -5.96
N ASP A 39 5.09 -17.79 -7.18
CA ASP A 39 4.23 -18.06 -8.36
C ASP A 39 2.77 -17.71 -8.04
N LYS A 40 2.52 -16.46 -7.63
CA LYS A 40 1.14 -16.06 -7.24
C LYS A 40 0.59 -15.08 -8.27
N LYS A 41 -0.71 -15.17 -8.57
CA LYS A 41 -1.36 -14.18 -9.47
C LYS A 41 -1.55 -12.90 -8.67
N VAL A 42 -0.92 -11.80 -9.09
CA VAL A 42 -0.96 -10.58 -8.30
C VAL A 42 -1.48 -9.43 -9.13
N MET A 43 -2.16 -8.51 -8.44
CA MET A 43 -2.68 -7.30 -9.04
C MET A 43 -2.42 -6.13 -8.06
N ILE A 44 -2.12 -4.95 -8.63
CA ILE A 44 -1.91 -3.73 -7.80
C ILE A 44 -2.85 -2.64 -8.32
N HIS A 45 -3.77 -2.16 -7.48
CA HIS A 45 -4.64 -1.01 -7.90
C HIS A 45 -4.17 0.22 -7.12
N GLY A 46 -3.51 1.16 -7.81
CA GLY A 46 -2.98 2.31 -7.12
C GLY A 46 -4.07 3.29 -6.73
N CYS A 47 -4.08 3.68 -5.48
CA CYS A 47 -5.05 4.59 -4.87
C CYS A 47 -4.34 5.75 -4.17
N ASP A 48 -3.20 6.18 -4.71
CA ASP A 48 -2.46 7.32 -4.15
C ASP A 48 -2.26 8.26 -5.32
N PRO A 49 -3.01 9.39 -5.43
CA PRO A 49 -2.90 10.27 -6.59
C PRO A 49 -1.51 10.92 -6.74
N LYS A 50 -0.69 10.98 -5.68
CA LYS A 50 0.62 11.68 -5.78
C LYS A 50 1.78 10.68 -5.89
N ALA A 51 1.48 9.39 -6.10
CA ALA A 51 2.53 8.36 -6.13
C ALA A 51 2.35 7.45 -7.34
N ASP A 52 3.45 6.95 -7.92
CA ASP A 52 3.31 5.97 -9.03
C ASP A 52 3.44 4.58 -8.39
N SER A 53 2.31 3.87 -8.23
CA SER A 53 2.34 2.59 -7.50
C SER A 53 2.63 1.40 -8.43
N THR A 54 2.88 1.64 -9.72
CA THR A 54 3.04 0.49 -10.61
C THR A 54 4.21 0.62 -11.56
N ARG A 55 4.86 1.79 -11.59
CA ARG A 55 5.91 2.07 -12.60
C ARG A 55 7.01 1.01 -12.60
N MET A 56 7.47 0.57 -11.43
CA MET A 56 8.62 -0.37 -11.43
C MET A 56 8.18 -1.74 -11.91
N ILE A 57 6.90 -2.05 -11.77
CA ILE A 57 6.37 -3.34 -12.31
C ILE A 57 6.23 -3.17 -13.83
N LEU A 58 5.96 -1.94 -14.28
CA LEU A 58 5.77 -1.68 -15.74
C LEU A 58 7.09 -1.23 -16.35
N HIS A 59 8.22 -1.53 -15.70
CA HIS A 59 9.55 -1.23 -16.28
C HIS A 59 9.67 0.26 -16.64
N GLY A 60 9.14 1.15 -15.82
CA GLY A 60 9.33 2.61 -16.01
C GLY A 60 8.34 3.32 -16.92
N LYS A 61 7.50 2.58 -17.64
CA LYS A 61 6.46 3.25 -18.45
C LYS A 61 5.27 3.58 -17.53
N PRO A 62 5.04 4.86 -17.17
CA PRO A 62 3.94 5.24 -16.28
C PRO A 62 2.60 5.03 -17.02
N GLN A 63 1.67 4.31 -16.40
CA GLN A 63 0.39 3.98 -17.09
C GLN A 63 -0.60 5.14 -16.93
N ASP A 64 -1.54 5.28 -17.87
CA ASP A 64 -2.57 6.33 -17.78
C ASP A 64 -3.51 6.01 -16.62
N THR A 65 -3.99 7.04 -15.91
CA THR A 65 -4.91 6.82 -14.76
C THR A 65 -6.34 6.67 -15.26
N VAL A 66 -7.15 5.84 -14.57
CA VAL A 66 -8.58 5.66 -14.94
C VAL A 66 -9.27 7.02 -14.99
N MET A 67 -9.05 7.85 -13.96
CA MET A 67 -9.74 9.16 -13.87
C MET A 67 -9.30 10.09 -15.01
N ASP A 68 -8.00 10.14 -15.32
CA ASP A 68 -7.51 11.07 -16.36
C ASP A 68 -8.10 10.66 -17.72
N VAL A 69 -8.14 9.36 -18.01
CA VAL A 69 -8.72 8.87 -19.29
C VAL A 69 -10.20 9.24 -19.33
N LEU A 70 -10.91 9.04 -18.21
CA LEU A 70 -12.35 9.38 -18.14
C LEU A 70 -12.54 10.88 -18.37
N ARG A 71 -11.65 11.71 -17.80
CA ARG A 71 -11.80 13.19 -17.89
C ARG A 71 -11.37 13.70 -19.27
N GLU A 72 -10.32 13.13 -19.86
CA GLU A 72 -9.80 13.66 -21.15
C GLU A 72 -10.35 12.89 -22.35
N GLU A 73 -10.44 11.56 -22.27
CA GLU A 73 -10.88 10.75 -23.44
C GLU A 73 -12.37 10.38 -23.33
N GLY A 74 -12.93 10.36 -22.13
CA GLY A 74 -14.34 10.03 -21.95
C GLY A 74 -14.56 8.67 -21.31
N GLU A 75 -15.78 8.38 -20.89
CA GLU A 75 -16.09 7.10 -20.19
C GLU A 75 -15.85 5.91 -21.13
N GLU A 76 -16.21 6.06 -22.41
CA GLU A 76 -16.10 4.91 -23.35
C GLU A 76 -14.63 4.52 -23.49
N ALA A 77 -13.71 5.48 -23.38
CA ALA A 77 -12.27 5.20 -23.53
C ALA A 77 -11.74 4.40 -22.34
N VAL A 78 -12.52 4.31 -21.25
CA VAL A 78 -12.04 3.60 -20.03
C VAL A 78 -12.22 2.11 -20.28
N THR A 79 -11.22 1.47 -20.87
CA THR A 79 -11.28 0.06 -21.20
C THR A 79 -10.14 -0.69 -20.50
N LEU A 80 -10.31 -2.00 -20.37
CA LEU A 80 -9.27 -2.78 -19.68
C LEU A 80 -7.95 -2.74 -20.45
N GLU A 81 -8.01 -2.75 -21.78
CA GLU A 81 -6.79 -2.64 -22.57
C GLU A 81 -6.10 -1.30 -22.30
N LYS A 82 -6.87 -0.25 -22.00
CA LYS A 82 -6.33 1.09 -21.80
C LYS A 82 -5.83 1.35 -20.38
N VAL A 83 -6.54 0.91 -19.33
CA VAL A 83 -6.15 1.31 -17.97
C VAL A 83 -5.50 0.19 -17.17
N ARG A 84 -5.49 -1.04 -17.68
CA ARG A 84 -4.96 -2.19 -16.95
C ARG A 84 -3.82 -2.76 -17.77
N LYS A 85 -2.60 -2.67 -17.22
CA LYS A 85 -1.40 -3.14 -17.96
C LYS A 85 -0.80 -4.36 -17.26
N ILE A 86 -0.09 -5.21 -18.01
CA ILE A 86 0.57 -6.41 -17.43
C ILE A 86 2.06 -6.11 -17.30
N GLY A 87 2.67 -6.47 -16.18
CA GLY A 87 4.10 -6.13 -15.97
C GLY A 87 4.93 -7.32 -15.55
N PHE A 88 5.99 -7.08 -14.77
CA PHE A 88 6.91 -8.16 -14.34
C PHE A 88 6.14 -9.35 -13.77
N LYS A 89 6.43 -10.55 -14.26
CA LYS A 89 5.83 -11.77 -13.71
C LYS A 89 4.32 -11.75 -13.82
N ASP A 90 3.83 -11.08 -14.87
CA ASP A 90 2.41 -11.01 -15.21
C ASP A 90 1.60 -10.31 -14.15
N ILE A 91 2.22 -9.47 -13.32
CA ILE A 91 1.45 -8.69 -12.35
C ILE A 91 0.59 -7.70 -13.11
N LEU A 92 -0.70 -7.64 -12.76
CA LEU A 92 -1.63 -6.68 -13.40
C LEU A 92 -1.56 -5.34 -12.68
N CYS A 93 -1.68 -4.24 -13.42
CA CYS A 93 -1.48 -2.91 -12.80
C CYS A 93 -2.58 -1.93 -13.21
N VAL A 94 -3.13 -1.19 -12.25
CA VAL A 94 -4.17 -0.16 -12.56
C VAL A 94 -3.92 1.05 -11.66
N GLU A 95 -4.04 2.26 -12.20
CA GLU A 95 -3.87 3.49 -11.37
C GLU A 95 -5.19 4.27 -11.38
N SER A 96 -5.76 4.51 -10.19
CA SER A 96 -7.04 5.25 -10.08
C SER A 96 -6.86 6.67 -10.62
N GLY A 97 -5.80 7.35 -10.21
CA GLY A 97 -5.60 8.76 -10.62
C GLY A 97 -6.28 9.71 -9.63
N GLY A 98 -6.25 11.00 -9.92
CA GLY A 98 -6.81 11.99 -9.00
C GLY A 98 -8.16 12.53 -9.45
N PRO A 99 -8.77 13.47 -8.70
CA PRO A 99 -10.07 14.05 -9.06
C PRO A 99 -9.91 15.22 -10.03
N GLU A 100 -11.05 15.75 -10.45
CA GLU A 100 -11.05 16.95 -11.33
C GLU A 100 -10.35 18.06 -10.53
N PRO A 101 -9.17 18.55 -10.96
CA PRO A 101 -8.43 19.54 -10.17
C PRO A 101 -9.28 20.65 -9.54
N GLY A 102 -9.26 20.77 -8.21
CA GLY A 102 -9.96 21.87 -7.53
C GLY A 102 -11.45 21.67 -7.34
N VAL A 103 -11.96 20.46 -7.62
CA VAL A 103 -13.44 20.28 -7.54
C VAL A 103 -13.82 18.92 -6.94
N GLY A 104 -13.13 17.85 -7.33
CA GLY A 104 -13.60 16.55 -6.90
C GLY A 104 -12.91 16.08 -5.64
N CYS A 105 -13.60 15.17 -4.93
CA CYS A 105 -13.01 14.54 -3.73
C CYS A 105 -12.13 13.38 -4.20
N ALA A 106 -10.87 13.36 -3.79
CA ALA A 106 -9.94 12.34 -4.28
C ALA A 106 -10.32 10.95 -3.79
N GLY A 107 -10.86 10.83 -2.59
CA GLY A 107 -11.31 9.53 -2.14
C GLY A 107 -12.45 9.01 -3.01
N ARG A 108 -13.31 9.91 -3.47
CA ARG A 108 -14.39 9.51 -4.36
C ARG A 108 -13.86 9.10 -5.72
N GLY A 109 -12.84 9.79 -6.19
CA GLY A 109 -12.20 9.35 -7.41
C GLY A 109 -11.65 7.94 -7.29
N VAL A 110 -11.03 7.61 -6.15
CA VAL A 110 -10.56 6.23 -5.96
C VAL A 110 -11.72 5.24 -6.09
N ILE A 111 -12.81 5.49 -5.40
CA ILE A 111 -13.93 4.55 -5.43
C ILE A 111 -14.53 4.47 -6.83
N THR A 112 -14.62 5.61 -7.55
CA THR A 112 -15.10 5.57 -8.94
C THR A 112 -14.22 4.67 -9.80
N ALA A 113 -12.91 4.77 -9.65
CA ALA A 113 -12.02 3.92 -10.43
C ALA A 113 -12.22 2.44 -10.10
N VAL A 114 -12.39 2.13 -8.81
CA VAL A 114 -12.63 0.73 -8.39
C VAL A 114 -13.97 0.27 -9.00
N ASP A 115 -15.01 1.09 -8.84
CA ASP A 115 -16.34 0.75 -9.40
C ASP A 115 -16.21 0.50 -10.91
N MET A 116 -15.46 1.35 -11.60
CA MET A 116 -15.32 1.23 -13.08
C MET A 116 -14.61 -0.09 -13.41
N MET A 117 -13.56 -0.43 -12.64
CA MET A 117 -12.86 -1.73 -12.84
C MET A 117 -13.85 -2.86 -12.61
N ARG A 118 -14.66 -2.76 -11.55
CA ARG A 118 -15.70 -3.77 -11.29
C ARG A 118 -16.55 -3.95 -12.55
N GLU A 119 -17.11 -2.84 -13.06
CA GLU A 119 -18.02 -2.92 -14.24
C GLU A 119 -17.28 -3.56 -15.42
N LEU A 120 -16.00 -3.24 -15.59
CA LEU A 120 -15.21 -3.81 -16.68
C LEU A 120 -14.83 -5.27 -16.40
N GLU A 121 -15.20 -5.81 -15.25
CA GLU A 121 -14.76 -7.14 -14.81
C GLU A 121 -13.23 -7.26 -14.89
N GLY A 122 -12.56 -6.27 -14.29
CA GLY A 122 -11.13 -6.15 -14.36
C GLY A 122 -10.36 -6.77 -13.22
N TYR A 123 -11.07 -7.40 -12.27
CA TYR A 123 -10.39 -8.10 -11.16
C TYR A 123 -10.51 -9.62 -11.40
N PRO A 124 -9.48 -10.27 -11.97
CA PRO A 124 -9.55 -11.70 -12.27
C PRO A 124 -10.02 -12.51 -11.05
N ASP A 125 -10.97 -13.42 -11.25
CA ASP A 125 -11.52 -14.23 -10.13
C ASP A 125 -10.43 -15.17 -9.60
N ASP A 126 -9.43 -15.49 -10.42
CA ASP A 126 -8.36 -16.38 -9.98
C ASP A 126 -7.15 -15.63 -9.45
N LEU A 127 -7.30 -14.31 -9.15
CA LEU A 127 -6.23 -13.60 -8.47
C LEU A 127 -5.90 -14.28 -7.15
N ASP A 128 -4.61 -14.35 -6.80
CA ASP A 128 -4.19 -14.79 -5.48
C ASP A 128 -4.02 -13.61 -4.50
N ASN A 129 -3.61 -12.47 -5.01
CA ASN A 129 -3.28 -11.33 -4.16
C ASN A 129 -3.66 -10.07 -4.91
N LEU A 130 -4.42 -9.19 -4.24
CA LEU A 130 -4.78 -7.89 -4.75
C LEU A 130 -4.35 -6.88 -3.71
N PHE A 131 -3.55 -5.89 -4.12
CA PHE A 131 -3.12 -4.77 -3.29
C PHE A 131 -3.75 -3.46 -3.77
N PHE A 132 -4.26 -2.71 -2.77
CA PHE A 132 -4.76 -1.33 -3.00
C PHE A 132 -3.78 -0.42 -2.26
N ASP A 133 -2.97 0.36 -2.98
CA ASP A 133 -1.92 1.22 -2.42
C ASP A 133 -2.55 2.60 -2.19
N VAL A 134 -2.95 2.86 -0.95
CA VAL A 134 -3.74 4.10 -0.69
C VAL A 134 -2.91 5.18 0.01
N LEU A 135 -3.15 6.43 -0.36
CA LEU A 135 -2.45 7.57 0.29
C LEU A 135 -2.83 7.57 1.78
N GLY A 136 -1.85 7.73 2.65
CA GLY A 136 -2.11 7.80 4.11
C GLY A 136 -1.55 9.07 4.71
N ASP A 137 -1.20 10.04 3.86
CA ASP A 137 -0.66 11.33 4.36
C ASP A 137 -1.73 12.01 5.24
N VAL A 138 -3.00 11.84 4.89
CA VAL A 138 -4.11 12.42 5.70
C VAL A 138 -5.26 11.41 5.70
N VAL A 139 -5.76 11.05 6.88
CA VAL A 139 -6.90 10.10 6.99
C VAL A 139 -8.19 10.90 6.94
N CYS A 140 -8.44 11.58 5.82
CA CYS A 140 -9.71 12.32 5.65
C CYS A 140 -10.82 11.34 5.27
N GLY A 141 -12.08 11.73 5.46
CA GLY A 141 -13.17 10.86 5.02
C GLY A 141 -12.96 10.32 3.61
N GLY A 142 -12.47 11.13 2.72
CA GLY A 142 -12.25 10.62 1.39
C GLY A 142 -11.26 9.45 1.39
N PHE A 143 -10.07 9.64 1.92
CA PHE A 143 -9.08 8.54 1.79
C PHE A 143 -9.40 7.39 2.74
N ALA A 144 -10.41 7.56 3.61
CA ALA A 144 -10.82 6.44 4.50
C ALA A 144 -11.96 5.65 3.84
N MET A 145 -12.43 6.11 2.68
CA MET A 145 -13.58 5.45 1.99
C MET A 145 -13.28 3.97 1.71
N PRO A 146 -12.07 3.58 1.29
CA PRO A 146 -11.74 2.16 1.12
C PRO A 146 -11.97 1.38 2.43
N LEU A 147 -11.64 2.00 3.57
CA LEU A 147 -11.87 1.34 4.89
C LEU A 147 -13.38 1.25 5.14
N ARG A 148 -14.11 2.34 4.91
CA ARG A 148 -15.57 2.36 5.14
C ARG A 148 -16.26 1.36 4.21
N ASP A 149 -15.78 1.21 2.98
CA ASP A 149 -16.44 0.34 1.98
C ASP A 149 -15.93 -1.10 2.10
N GLY A 150 -14.90 -1.32 2.91
CA GLY A 150 -14.31 -2.66 3.06
C GLY A 150 -13.71 -3.18 1.76
N LEU A 151 -13.16 -2.28 0.94
CA LEU A 151 -12.45 -2.69 -0.30
C LEU A 151 -11.52 -3.85 0.08
N ALA A 152 -10.86 -3.73 1.22
CA ALA A 152 -10.01 -4.82 1.75
C ALA A 152 -10.11 -4.77 3.27
N GLN A 153 -10.23 -5.92 3.94
CA GLN A 153 -10.41 -5.87 5.41
C GLN A 153 -9.05 -6.12 6.07
N GLU A 154 -8.03 -6.48 5.29
CA GLU A 154 -6.66 -6.64 5.84
C GLU A 154 -5.86 -5.37 5.52
N ILE A 155 -5.58 -4.57 6.54
CA ILE A 155 -4.87 -3.27 6.31
C ILE A 155 -3.46 -3.33 6.92
N TYR A 156 -2.47 -2.85 6.16
CA TYR A 156 -1.08 -2.78 6.68
C TYR A 156 -0.65 -1.30 6.64
N ILE A 157 0.09 -0.88 7.66
CA ILE A 157 0.52 0.54 7.75
C ILE A 157 2.04 0.63 7.55
N VAL A 158 2.48 1.38 6.54
CA VAL A 158 3.90 1.62 6.33
C VAL A 158 4.31 2.88 7.07
N THR A 159 5.39 2.80 7.86
CA THR A 159 5.87 3.94 8.63
C THR A 159 7.39 3.90 8.63
N SER A 160 7.96 4.83 9.36
CA SER A 160 9.41 5.00 9.42
C SER A 160 9.71 5.70 10.72
N GLY A 161 10.98 5.71 11.09
CA GLY A 161 11.31 6.37 12.35
C GLY A 161 11.47 7.87 12.13
N GLU A 162 10.38 8.52 11.75
CA GLU A 162 10.32 9.97 11.52
C GLU A 162 8.98 10.46 12.06
N MET A 163 8.98 11.67 12.62
CA MET A 163 7.83 12.10 13.42
C MET A 163 6.53 12.09 12.62
N MET A 164 6.54 12.72 11.45
CA MET A 164 5.30 12.81 10.65
C MET A 164 4.88 11.41 10.18
N ALA A 165 5.83 10.52 9.95
CA ALA A 165 5.52 9.15 9.49
C ALA A 165 4.75 8.41 10.59
N LEU A 166 5.18 8.54 11.85
CA LEU A 166 4.52 7.85 12.98
C LEU A 166 3.17 8.51 13.27
N TYR A 167 3.11 9.84 13.19
CA TYR A 167 1.83 10.55 13.38
C TYR A 167 0.82 10.03 12.36
N ALA A 168 1.24 9.90 11.10
CA ALA A 168 0.33 9.43 10.03
C ALA A 168 -0.10 7.99 10.33
N ALA A 169 0.85 7.14 10.71
CA ALA A 169 0.54 5.73 11.03
C ALA A 169 -0.51 5.70 12.14
N ASN A 170 -0.30 6.47 13.20
CA ASN A 170 -1.26 6.48 14.31
C ASN A 170 -2.62 6.95 13.84
N ASN A 171 -2.66 7.94 12.94
CA ASN A 171 -3.93 8.40 12.43
C ASN A 171 -4.58 7.37 11.50
N ILE A 172 -3.79 6.64 10.71
CA ILE A 172 -4.39 5.56 9.88
C ILE A 172 -5.03 4.55 10.83
N ALA A 173 -4.35 4.25 11.95
CA ALA A 173 -4.88 3.31 12.95
C ALA A 173 -6.22 3.78 13.51
N LYS A 174 -6.34 5.10 13.70
CA LYS A 174 -7.62 5.67 14.18
C LYS A 174 -8.69 5.43 13.10
N GLY A 175 -8.33 5.60 11.83
CA GLY A 175 -9.31 5.42 10.76
C GLY A 175 -9.76 3.97 10.65
N ILE A 176 -8.81 3.05 10.84
CA ILE A 176 -9.17 1.61 10.84
C ILE A 176 -10.12 1.35 12.01
N LEU A 177 -9.76 1.83 13.20
CA LEU A 177 -10.65 1.64 14.36
C LEU A 177 -12.03 2.21 14.08
N LYS A 178 -12.10 3.36 13.41
CA LYS A 178 -13.38 4.00 13.14
C LYS A 178 -14.32 3.06 12.43
N TYR A 179 -13.82 2.21 11.52
CA TYR A 179 -14.74 1.38 10.69
C TYR A 179 -14.63 -0.11 11.00
N ALA A 180 -13.87 -0.49 12.03
CA ALA A 180 -13.65 -1.93 12.31
C ALA A 180 -14.98 -2.67 12.46
N GLU A 181 -15.91 -2.12 13.24
CA GLU A 181 -17.21 -2.80 13.49
C GLU A 181 -18.09 -2.73 12.25
N GLN A 182 -18.09 -1.60 11.57
CA GLN A 182 -19.02 -1.42 10.44
C GLN A 182 -18.58 -2.20 9.20
N SER A 183 -17.29 -2.17 8.86
CA SER A 183 -16.83 -2.79 7.59
C SER A 183 -15.97 -4.04 7.84
N GLY A 184 -15.73 -4.40 9.11
CA GLY A 184 -14.87 -5.52 9.38
C GLY A 184 -13.39 -5.29 9.12
N VAL A 185 -12.97 -4.05 8.91
CA VAL A 185 -11.57 -3.82 8.60
C VAL A 185 -10.75 -4.07 9.86
N ARG A 186 -9.53 -4.53 9.66
CA ARG A 186 -8.61 -4.85 10.76
C ARG A 186 -7.17 -4.50 10.33
N LEU A 187 -6.32 -4.23 11.32
CA LEU A 187 -4.88 -4.00 11.12
C LEU A 187 -4.15 -5.34 11.14
N GLY A 188 -3.49 -5.66 10.05
CA GLY A 188 -2.67 -6.87 10.00
C GLY A 188 -1.25 -6.64 10.55
N GLY A 189 -0.79 -5.41 10.57
CA GLY A 189 0.54 -5.12 11.08
C GLY A 189 1.12 -3.84 10.52
N ILE A 190 2.30 -3.50 11.07
CA ILE A 190 3.08 -2.31 10.68
C ILE A 190 4.29 -2.78 9.90
N ILE A 191 4.58 -2.13 8.78
CA ILE A 191 5.79 -2.30 8.01
C ILE A 191 6.65 -1.06 8.24
N CYS A 192 7.87 -1.25 8.73
CA CYS A 192 8.80 -0.12 8.92
C CYS A 192 9.74 -0.09 7.72
N ASN A 193 9.72 1.01 6.96
CA ASN A 193 10.71 1.26 5.95
C ASN A 193 11.82 2.01 6.69
N ALA A 194 12.87 1.32 7.05
CA ALA A 194 13.89 1.89 7.92
C ALA A 194 14.40 3.21 7.40
N ARG A 195 14.56 4.17 8.32
CA ARG A 195 15.20 5.46 7.96
C ARG A 195 16.64 5.40 8.50
N ASN A 196 16.91 4.43 9.40
CA ASN A 196 18.26 4.24 10.00
C ASN A 196 18.52 5.34 11.03
N VAL A 197 17.62 5.50 12.01
CA VAL A 197 17.80 6.51 13.07
C VAL A 197 18.11 5.73 14.35
N ASP A 198 18.83 6.35 15.27
CA ASP A 198 19.16 5.72 16.54
C ASP A 198 17.90 5.17 17.20
N GLY A 199 17.93 3.91 17.60
CA GLY A 199 16.82 3.33 18.35
C GLY A 199 15.61 2.97 17.53
N GLU A 200 15.76 2.87 16.22
CA GLU A 200 14.57 2.80 15.36
C GLU A 200 13.82 1.49 15.56
N LYS A 201 14.54 0.38 15.74
CA LYS A 201 13.86 -0.89 15.94
C LYS A 201 13.09 -0.93 17.26
N GLU A 202 13.70 -0.44 18.35
CA GLU A 202 13.04 -0.34 19.65
C GLU A 202 11.83 0.59 19.59
N LEU A 203 11.97 1.74 18.90
CA LEU A 203 10.87 2.65 18.71
C LEU A 203 9.69 1.92 18.07
N MET A 204 9.99 1.12 17.04
CA MET A 204 8.96 0.41 16.28
C MET A 204 8.29 -0.65 17.15
N ASP A 205 9.09 -1.34 17.95
CA ASP A 205 8.53 -2.38 18.87
C ASP A 205 7.54 -1.71 19.84
N GLU A 206 7.96 -0.60 20.46
CA GLU A 206 7.08 0.12 21.42
C GLU A 206 5.84 0.63 20.69
N PHE A 207 6.03 1.25 19.52
CA PHE A 207 4.88 1.77 18.74
C PHE A 207 3.91 0.62 18.48
N CYS A 208 4.41 -0.51 17.98
CA CYS A 208 3.53 -1.64 17.68
C CYS A 208 2.84 -2.14 18.94
N ASP A 209 3.58 -2.22 20.04
CA ASP A 209 2.97 -2.72 21.26
C ASP A 209 1.88 -1.80 21.78
N LYS A 210 2.07 -0.48 21.68
CA LYS A 210 1.07 0.49 22.18
C LYS A 210 -0.20 0.42 21.32
N LEU A 211 -0.08 0.19 20.01
CA LEU A 211 -1.24 0.05 19.15
C LEU A 211 -1.85 -1.36 19.16
N GLY A 212 -1.23 -2.28 19.91
CA GLY A 212 -1.75 -3.65 20.02
C GLY A 212 -1.54 -4.46 18.75
N THR A 213 -0.57 -4.06 17.93
CA THR A 213 -0.32 -4.77 16.65
C THR A 213 1.08 -5.37 16.66
N LYS A 214 1.65 -5.65 15.49
CA LYS A 214 2.97 -6.30 15.41
C LYS A 214 3.76 -5.71 14.24
N LEU A 215 5.08 -5.86 14.26
CA LEU A 215 5.91 -5.41 13.11
C LEU A 215 5.99 -6.56 12.11
N ILE A 216 5.25 -6.44 11.00
CA ILE A 216 5.25 -7.51 9.97
C ILE A 216 6.68 -7.65 9.42
N HIS A 217 7.38 -6.53 9.24
CA HIS A 217 8.79 -6.61 8.80
C HIS A 217 9.53 -5.28 8.94
N TYR A 218 10.83 -5.34 9.24
CA TYR A 218 11.67 -4.12 9.26
C TYR A 218 12.43 -4.12 7.94
N VAL A 219 12.05 -3.24 7.01
CA VAL A 219 12.63 -3.24 5.67
C VAL A 219 13.88 -2.38 5.71
N PRO A 220 15.07 -2.94 5.61
CA PRO A 220 16.28 -2.14 5.76
C PRO A 220 16.42 -1.16 4.61
N ARG A 221 17.27 -0.17 4.83
CA ARG A 221 17.67 0.77 3.80
C ARG A 221 18.83 0.16 3.02
N ASP A 222 18.70 0.09 1.70
CA ASP A 222 19.71 -0.55 0.87
C ASP A 222 19.78 0.18 -0.47
N ASN A 223 21.00 0.56 -0.87
CA ASN A 223 21.20 1.30 -2.09
C ASN A 223 20.85 0.49 -3.35
N ILE A 224 20.67 -0.82 -3.20
CA ILE A 224 20.25 -1.63 -4.39
C ILE A 224 18.86 -1.18 -4.85
N VAL A 225 18.02 -0.65 -3.93
CA VAL A 225 16.71 -0.16 -4.37
C VAL A 225 16.88 0.91 -5.44
N GLN A 226 17.77 1.87 -5.16
CA GLN A 226 18.00 2.96 -6.09
C GLN A 226 18.60 2.45 -7.40
N LYS A 227 19.52 1.49 -7.30
CA LYS A 227 20.13 0.89 -8.52
C LYS A 227 19.03 0.23 -9.36
N ALA A 228 18.18 -0.60 -8.73
CA ALA A 228 17.11 -1.31 -9.47
C ALA A 228 16.13 -0.29 -10.05
N GLU A 229 15.72 0.68 -9.23
CA GLU A 229 14.76 1.71 -9.67
C GLU A 229 15.39 2.55 -10.79
N PHE A 230 16.69 2.81 -10.70
CA PHE A 230 17.36 3.55 -11.81
C PHE A 230 17.09 2.76 -13.10
N ASN A 231 17.20 1.43 -13.08
CA ASN A 231 16.86 0.63 -14.29
C ASN A 231 15.35 0.48 -14.39
N LYS A 232 14.61 1.39 -13.76
CA LYS A 232 13.13 1.37 -13.87
C LYS A 232 12.67 -0.08 -13.61
N MET A 233 13.07 -0.67 -12.48
CA MET A 233 12.56 -2.03 -12.19
C MET A 233 12.65 -2.34 -10.69
N THR A 234 11.98 -3.41 -10.25
CA THR A 234 11.96 -3.77 -8.80
C THR A 234 13.25 -4.50 -8.43
N VAL A 235 13.60 -4.49 -7.14
CA VAL A 235 14.76 -5.23 -6.68
C VAL A 235 14.63 -6.71 -7.06
N ILE A 236 13.41 -7.23 -6.93
CA ILE A 236 13.18 -8.68 -7.21
C ILE A 236 13.63 -8.98 -8.64
N GLU A 237 13.18 -8.18 -9.60
CA GLU A 237 13.54 -8.39 -11.02
C GLU A 237 15.03 -8.05 -11.24
N PHE A 238 15.51 -6.98 -10.63
CA PHE A 238 16.92 -6.53 -10.85
C PHE A 238 17.90 -7.61 -10.39
N ASP A 239 17.69 -8.16 -9.19
CA ASP A 239 18.62 -9.19 -8.65
C ASP A 239 17.90 -9.97 -7.54
N PRO A 240 17.18 -11.06 -7.88
CA PRO A 240 16.43 -11.81 -6.87
C PRO A 240 17.29 -12.44 -5.82
N GLU A 241 18.63 -12.49 -6.00
CA GLU A 241 19.49 -13.15 -5.04
C GLU A 241 19.99 -12.24 -3.94
N CYS A 242 19.86 -10.92 -4.09
CA CYS A 242 20.50 -10.06 -3.11
C CYS A 242 19.73 -10.05 -1.80
N ASN A 243 20.37 -9.51 -0.77
CA ASN A 243 19.80 -9.56 0.57
C ASN A 243 18.49 -8.78 0.63
N GLN A 244 18.40 -7.68 -0.11
CA GLN A 244 17.17 -6.88 -0.03
C GLN A 244 15.99 -7.62 -0.66
N ALA A 245 16.24 -8.35 -1.75
CA ALA A 245 15.21 -9.19 -2.33
C ALA A 245 14.68 -10.21 -1.32
N LYS A 246 15.57 -10.81 -0.53
CA LYS A 246 15.13 -11.74 0.51
C LYS A 246 14.37 -11.04 1.63
N GLU A 247 14.67 -9.76 1.90
CA GLU A 247 13.83 -9.02 2.85
C GLU A 247 12.41 -8.88 2.33
N TYR A 248 12.24 -8.45 1.09
CA TYR A 248 10.91 -8.35 0.49
C TYR A 248 10.23 -9.71 0.41
N ARG A 249 11.01 -10.76 0.15
CA ARG A 249 10.45 -12.11 0.18
C ARG A 249 9.87 -12.45 1.55
N THR A 250 10.62 -12.15 2.62
CA THR A 250 10.09 -12.42 3.95
C THR A 250 8.86 -11.57 4.23
N LEU A 251 8.89 -10.29 3.84
CA LEU A 251 7.71 -9.47 4.03
C LEU A 251 6.54 -10.07 3.29
N ALA A 252 6.76 -10.48 2.05
CA ALA A 252 5.65 -10.99 1.25
C ALA A 252 5.11 -12.27 1.87
N LYS A 253 5.99 -13.12 2.36
CA LYS A 253 5.52 -14.36 2.99
C LYS A 253 4.73 -14.04 4.24
N ASN A 254 5.21 -13.08 5.06
CA ASN A 254 4.54 -12.71 6.30
C ASN A 254 3.15 -12.13 6.04
N ILE A 255 3.05 -11.27 5.04
CA ILE A 255 1.73 -10.60 4.78
C ILE A 255 0.77 -11.62 4.18
N ASP A 256 1.28 -12.66 3.52
CA ASP A 256 0.37 -13.55 2.80
C ASP A 256 -0.11 -14.70 3.66
N GLU A 257 0.71 -15.11 4.68
CA GLU A 257 0.34 -16.11 5.67
C GLU A 257 -0.44 -15.53 6.85
N ASN A 258 -0.37 -14.21 7.07
CA ASN A 258 -0.93 -13.62 8.28
C ASN A 258 -2.41 -13.97 8.42
N ASP A 259 -2.82 -14.39 9.62
CA ASP A 259 -4.27 -14.68 9.85
C ASP A 259 -4.66 -14.12 11.21
N GLU A 260 -3.80 -13.29 11.80
CA GLU A 260 -4.10 -12.68 13.12
C GLU A 260 -4.13 -11.16 12.94
N LEU A 261 -5.33 -10.61 12.77
CA LEU A 261 -5.51 -9.15 12.56
C LEU A 261 -6.15 -8.58 13.83
N VAL A 262 -5.99 -7.28 14.07
CA VAL A 262 -6.51 -6.75 15.37
C VAL A 262 -7.21 -5.40 15.20
N LYS A 263 -8.06 -5.05 16.16
CA LYS A 263 -8.67 -3.69 16.17
C LYS A 263 -7.64 -2.83 16.90
N PRO A 264 -6.95 -1.89 16.22
CA PRO A 264 -5.85 -1.15 16.85
C PRO A 264 -6.24 -0.26 18.04
N THR A 265 -5.30 -0.03 18.95
CA THR A 265 -5.51 0.90 20.06
C THR A 265 -4.60 2.10 19.85
N PRO A 266 -5.00 3.08 19.02
CA PRO A 266 -4.14 4.22 18.69
C PRO A 266 -3.71 5.01 19.94
N MET A 267 -2.61 5.75 19.84
CA MET A 267 -2.09 6.52 20.99
C MET A 267 -2.69 7.92 20.99
N THR A 268 -2.80 8.55 22.16
CA THR A 268 -3.34 9.93 22.27
C THR A 268 -2.24 10.93 21.88
N MET A 269 -2.60 12.20 21.69
CA MET A 269 -1.56 13.24 21.42
C MET A 269 -0.43 13.10 22.43
N ASP A 270 -0.75 13.05 23.72
CA ASP A 270 0.29 13.06 24.76
C ASP A 270 1.16 11.82 24.67
N GLU A 271 0.55 10.64 24.43
CA GLU A 271 1.34 9.43 24.35
C GLU A 271 2.29 9.48 23.16
N LEU A 272 1.80 9.95 22.00
CA LEU A 272 2.70 10.04 20.85
C LEU A 272 3.85 11.00 21.11
N GLU A 273 3.55 12.13 21.75
CA GLU A 273 4.61 13.11 22.03
C GLU A 273 5.66 12.53 22.97
N GLU A 274 5.22 11.84 24.01
CA GLU A 274 6.17 11.16 24.89
C GLU A 274 7.06 10.20 24.12
N LEU A 275 6.49 9.44 23.18
CA LEU A 275 7.25 8.42 22.48
C LEU A 275 8.32 9.03 21.59
N VAL A 276 7.96 10.06 20.83
CA VAL A 276 8.94 10.68 19.95
C VAL A 276 9.99 11.46 20.75
N VAL A 277 9.67 11.89 21.98
CA VAL A 277 10.68 12.54 22.82
C VAL A 277 11.67 11.50 23.33
N LYS A 278 11.14 10.38 23.83
CA LYS A 278 12.02 9.30 24.38
C LYS A 278 13.05 8.89 23.33
N TYR A 279 12.63 8.73 22.08
CA TYR A 279 13.56 8.25 21.02
C TYR A 279 14.20 9.45 20.33
N GLY A 280 14.08 10.64 20.92
CA GLY A 280 14.74 11.85 20.38
C GLY A 280 14.44 12.07 18.91
N LEU A 281 13.18 12.33 18.57
CA LEU A 281 12.81 12.64 17.17
C LEU A 281 12.54 14.14 17.04
#